data_3EWU
#
_entry.id   3EWU
#
_cell.length_a   69.410
_cell.length_b   61.690
_cell.length_c   70.810
_cell.angle_alpha   90.00
_cell.angle_beta   112.86
_cell.angle_gamma   90.00
#
_symmetry.space_group_name_H-M   'P 1 21 1'
#
loop_
_entity.id
_entity.type
_entity.pdbx_description
1 polymer "Orotidine-5'-phosphate decarboxylase"
2 non-polymer GLYCEROL
3 non-polymer "6-ethyluridine 5'-phosphate"
4 non-polymer 'SULFATE ION'
5 water water
#
_entity_poly.entity_id   1
_entity_poly.type   'polypeptide(L)'
_entity_poly.pdbx_seq_one_letter_code
;GAMELSFGARAELPRIHPVASKLLRLMQKKETNLCLSADVSLARELLQLADALGPSICMLKTHVDILNDFTLDVMKELIT
LAKCHEFLIFENRKFADIGNTVKKQYEGGIFKIASWADLVNAHVVPGSGVVKGLQEVGLPLHRGCLLIAEMSSTGSLATG
DYTRAAVRMAEEHSEFVVGFISGSRVSMKPEFLHLTPGVQLEAGGDNLGQQYNSPQEVIGKRGSDIIIVGRGIISAADRL
EAAEMYRKAAWEAYLSRLGV
;
_entity_poly.pdbx_strand_id   A,B
#
loop_
_chem_comp.id
_chem_comp.type
_chem_comp.name
_chem_comp.formula
GOL non-polymer GLYCEROL 'C3 H8 O3'
SO4 non-polymer 'SULFATE ION' 'O4 S -2'
UEP non-polymer '6-ethyluridine 5'-phosphate' 'C11 H17 N2 O9 P'
#
# COMPACT_ATOMS: atom_id res chain seq x y z
N MET A 3 -2.29 9.31 -34.77
CA MET A 3 -1.01 8.73 -35.29
C MET A 3 0.01 8.52 -34.17
N GLU A 4 0.48 7.27 -34.06
CA GLU A 4 1.46 6.91 -33.03
C GLU A 4 2.82 7.62 -33.15
N LEU A 5 3.30 8.19 -32.04
CA LEU A 5 4.59 8.87 -31.98
C LEU A 5 5.66 7.97 -31.37
N SER A 6 6.88 8.10 -31.83
CA SER A 6 8.02 7.38 -31.26
C SER A 6 8.28 7.87 -29.83
N PHE A 7 9.01 7.05 -29.07
CA PHE A 7 9.39 7.47 -27.71
C PHE A 7 10.18 8.81 -27.75
N GLY A 8 11.04 8.94 -28.73
CA GLY A 8 11.86 10.17 -28.87
C GLY A 8 11.02 11.41 -29.06
N ALA A 9 9.97 11.29 -29.89
CA ALA A 9 9.03 12.40 -30.14
C ALA A 9 8.15 12.70 -28.97
N ARG A 10 7.65 11.65 -28.31
CA ARG A 10 6.89 11.83 -27.09
C ARG A 10 7.71 12.59 -26.04
N ALA A 11 9.02 12.34 -25.96
CA ALA A 11 9.87 13.00 -24.97
C ALA A 11 9.92 14.52 -25.13
N GLU A 12 9.57 14.96 -26.33
CA GLU A 12 9.57 16.39 -26.67
C GLU A 12 8.22 17.05 -26.62
N LEU A 13 7.14 16.32 -26.30
CA LEU A 13 5.80 16.92 -26.28
C LEU A 13 5.76 18.11 -25.29
N PRO A 14 5.05 19.20 -25.65
CA PRO A 14 4.96 20.36 -24.78
C PRO A 14 4.50 20.11 -23.36
N ARG A 15 3.56 19.19 -23.19
CA ARG A 15 3.02 18.92 -21.86
C ARG A 15 3.73 17.76 -21.16
N ILE A 16 4.87 17.27 -21.68
CA ILE A 16 5.59 16.12 -21.11
C ILE A 16 6.16 16.52 -19.73
N HIS A 17 6.04 15.63 -18.79
CA HIS A 17 6.71 15.82 -17.50
C HIS A 17 8.22 15.55 -17.68
N PRO A 18 9.11 16.31 -17.00
CA PRO A 18 10.56 16.09 -17.15
C PRO A 18 11.06 14.67 -16.84
N VAL A 19 10.45 14.01 -15.86
CA VAL A 19 10.83 12.64 -15.53
C VAL A 19 10.40 11.73 -16.70
N ALA A 20 9.19 11.93 -17.22
CA ALA A 20 8.83 11.13 -18.40
C ALA A 20 9.74 11.40 -19.61
N SER A 21 10.13 12.66 -19.81
CA SER A 21 10.99 13.00 -20.94
C SER A 21 12.35 12.32 -20.84
N LYS A 22 12.92 12.34 -19.64
CA LYS A 22 14.16 11.70 -19.40
C LYS A 22 14.10 10.20 -19.68
N LEU A 23 13.06 9.57 -19.18
CA LEU A 23 12.82 8.14 -19.42
C LEU A 23 12.67 7.85 -20.91
N LEU A 24 11.78 8.59 -21.58
CA LEU A 24 11.51 8.36 -22.99
C LEU A 24 12.77 8.50 -23.86
N ARG A 25 13.64 9.49 -23.55
CA ARG A 25 14.91 9.71 -24.28
C ARG A 25 15.88 8.54 -24.12
N LEU A 26 16.03 8.04 -22.91
CA LEU A 26 16.90 6.94 -22.70
C LEU A 26 16.35 5.63 -23.26
N MET A 27 15.03 5.46 -23.31
CA MET A 27 14.44 4.27 -23.93
CA MET A 27 14.42 4.28 -23.95
C MET A 27 14.81 4.24 -25.43
N GLN A 28 14.65 5.40 -26.11
CA GLN A 28 15.04 5.50 -27.51
C GLN A 28 16.54 5.31 -27.71
N LYS A 29 17.34 5.97 -26.89
CA LYS A 29 18.78 5.87 -27.02
C LYS A 29 19.29 4.47 -26.86
N LYS A 30 18.74 3.76 -25.87
CA LYS A 30 19.19 2.41 -25.55
C LYS A 30 18.42 1.32 -26.21
N GLU A 31 17.34 1.64 -26.95
CA GLU A 31 16.44 0.61 -27.49
C GLU A 31 15.94 -0.38 -26.44
N THR A 32 15.45 0.15 -25.34
CA THR A 32 14.86 -0.71 -24.33
C THR A 32 13.66 -0.07 -23.69
N ASN A 33 12.59 -0.86 -23.59
CA ASN A 33 11.40 -0.52 -22.88
C ASN A 33 11.12 -1.60 -21.86
N LEU A 34 12.22 -2.04 -21.23
CA LEU A 34 12.14 -3.07 -20.20
C LEU A 34 12.43 -2.45 -18.85
N CYS A 35 11.55 -2.71 -17.89
CA CYS A 35 11.75 -2.38 -16.47
C CYS A 35 12.00 -3.71 -15.73
N LEU A 36 13.16 -3.82 -15.10
CA LEU A 36 13.47 -4.96 -14.27
C LEU A 36 12.86 -4.81 -12.89
N SER A 37 12.03 -5.78 -12.49
CA SER A 37 11.52 -5.85 -11.10
C SER A 37 12.55 -6.59 -10.24
N ALA A 38 13.28 -5.84 -9.43
CA ALA A 38 14.44 -6.32 -8.65
C ALA A 38 13.99 -6.88 -7.29
N ASP A 39 13.26 -7.97 -7.33
CA ASP A 39 12.56 -8.46 -6.14
C ASP A 39 13.47 -9.41 -5.39
N VAL A 40 14.41 -8.83 -4.64
CA VAL A 40 15.48 -9.58 -3.97
C VAL A 40 15.60 -9.11 -2.52
N SER A 41 16.23 -9.93 -1.67
CA SER A 41 16.33 -9.70 -0.21
C SER A 41 17.57 -8.99 0.24
N LEU A 42 18.60 -9.01 -0.59
CA LEU A 42 19.91 -8.49 -0.20
C LEU A 42 20.45 -7.36 -1.09
N ALA A 43 21.11 -6.38 -0.46
CA ALA A 43 21.62 -5.21 -1.15
C ALA A 43 22.62 -5.64 -2.19
N ARG A 44 23.39 -6.68 -1.88
CA ARG A 44 24.43 -7.11 -2.82
CA ARG A 44 24.43 -7.10 -2.83
C ARG A 44 23.79 -7.63 -4.11
N GLU A 45 22.71 -8.42 -3.97
CA GLU A 45 21.99 -8.88 -5.14
C GLU A 45 21.39 -7.72 -5.95
N LEU A 46 20.79 -6.76 -5.24
CA LEU A 46 20.24 -5.59 -5.92
C LEU A 46 21.28 -4.87 -6.76
N LEU A 47 22.44 -4.61 -6.16
CA LEU A 47 23.45 -3.84 -6.83
C LEU A 47 24.09 -4.65 -7.96
N GLN A 48 24.21 -5.95 -7.78
CA GLN A 48 24.81 -6.78 -8.83
C GLN A 48 23.89 -6.84 -10.05
N LEU A 49 22.59 -6.99 -9.83
CA LEU A 49 21.63 -7.00 -10.93
C LEU A 49 21.56 -5.66 -11.63
N ALA A 50 21.60 -4.57 -10.87
CA ALA A 50 21.55 -3.22 -11.44
C ALA A 50 22.76 -2.97 -12.34
N ASP A 51 23.94 -3.37 -11.88
CA ASP A 51 25.12 -3.25 -12.70
C ASP A 51 25.08 -4.16 -13.94
N ALA A 52 24.77 -5.43 -13.76
CA ALA A 52 24.87 -6.37 -14.89
C ALA A 52 23.78 -6.13 -15.96
N LEU A 53 22.60 -5.75 -15.51
CA LEU A 53 21.45 -5.63 -16.41
CA LEU A 53 21.45 -5.62 -16.41
C LEU A 53 21.17 -4.17 -16.79
N GLY A 54 21.87 -3.23 -16.14
CA GLY A 54 21.68 -1.79 -16.38
C GLY A 54 21.62 -1.39 -17.86
N PRO A 55 22.54 -1.92 -18.69
CA PRO A 55 22.60 -1.59 -20.09
C PRO A 55 21.33 -2.04 -20.82
N SER A 56 20.60 -3.03 -20.32
CA SER A 56 19.48 -3.62 -21.02
C SER A 56 18.12 -3.04 -20.65
N ILE A 57 18.10 -2.18 -19.63
CA ILE A 57 16.85 -1.73 -19.01
C ILE A 57 16.69 -0.22 -19.05
N CYS A 58 15.44 0.23 -19.13
CA CYS A 58 15.14 1.64 -18.99
C CYS A 58 14.90 2.08 -17.54
N MET A 59 14.61 1.09 -16.70
CA MET A 59 14.12 1.32 -15.34
CA MET A 59 14.15 1.32 -15.35
C MET A 59 14.40 0.09 -14.49
N LEU A 60 14.65 0.32 -13.21
CA LEU A 60 14.81 -0.71 -12.21
C LEU A 60 13.81 -0.39 -11.12
N LYS A 61 12.89 -1.33 -10.91
CA LYS A 61 11.88 -1.26 -9.88
C LYS A 61 12.41 -1.92 -8.61
N THR A 62 12.69 -1.08 -7.65
CA THR A 62 13.18 -1.52 -6.31
C THR A 62 12.02 -1.97 -5.44
N HIS A 63 12.37 -2.76 -4.43
CA HIS A 63 11.45 -3.22 -3.47
C HIS A 63 12.02 -3.06 -2.06
N VAL A 64 12.11 -1.83 -1.59
CA VAL A 64 12.87 -1.58 -0.37
C VAL A 64 12.26 -2.25 0.86
N ASP A 65 10.96 -2.47 0.86
CA ASP A 65 10.30 -3.15 1.98
C ASP A 65 10.70 -4.57 2.17
N ILE A 66 11.35 -5.18 1.18
CA ILE A 66 11.84 -6.54 1.33
C ILE A 66 13.36 -6.67 1.42
N LEU A 67 14.09 -5.54 1.41
CA LEU A 67 15.54 -5.53 1.46
C LEU A 67 16.03 -5.67 2.90
N ASN A 68 16.55 -6.84 3.26
CA ASN A 68 16.96 -7.08 4.64
C ASN A 68 18.02 -6.18 5.17
N ASP A 69 18.90 -5.69 4.29
CA ASP A 69 20.02 -4.85 4.72
C ASP A 69 19.99 -3.47 4.05
N PHE A 70 18.78 -2.93 3.88
CA PHE A 70 18.66 -1.56 3.38
C PHE A 70 19.46 -0.55 4.20
N THR A 71 20.19 0.33 3.53
CA THR A 71 20.60 1.60 4.10
C THR A 71 20.55 2.65 3.05
N LEU A 72 20.64 3.92 3.45
CA LEU A 72 20.64 5.00 2.48
C LEU A 72 21.92 4.97 1.63
N ASP A 73 23.01 4.36 2.16
CA ASP A 73 24.24 4.24 1.36
CA ASP A 73 24.26 4.19 1.41
C ASP A 73 24.01 3.26 0.21
N VAL A 74 23.23 2.21 0.42
CA VAL A 74 22.89 1.26 -0.66
C VAL A 74 22.20 2.05 -1.76
N MET A 75 21.34 2.98 -1.38
CA MET A 75 20.58 3.73 -2.39
CA MET A 75 20.58 3.79 -2.36
C MET A 75 21.52 4.75 -3.08
N LYS A 76 22.43 5.38 -2.35
CA LYS A 76 23.45 6.24 -2.98
CA LYS A 76 23.44 6.23 -2.97
C LYS A 76 24.15 5.45 -4.08
N GLU A 77 24.58 4.24 -3.76
CA GLU A 77 25.32 3.45 -4.74
CA GLU A 77 25.31 3.40 -4.71
C GLU A 77 24.43 3.04 -5.91
N LEU A 78 23.17 2.72 -5.63
CA LEU A 78 22.22 2.40 -6.72
C LEU A 78 22.06 3.57 -7.67
N ILE A 79 21.96 4.80 -7.14
CA ILE A 79 21.86 5.99 -7.95
C ILE A 79 23.08 6.17 -8.84
N THR A 80 24.25 5.89 -8.30
CA THR A 80 25.44 5.96 -9.13
C THR A 80 25.34 5.02 -10.31
N LEU A 81 24.84 3.80 -10.10
CA LEU A 81 24.68 2.82 -11.17
C LEU A 81 23.65 3.28 -12.17
N ALA A 82 22.56 3.88 -11.68
CA ALA A 82 21.50 4.41 -12.51
C ALA A 82 22.03 5.49 -13.42
N LYS A 83 22.85 6.39 -12.86
CA LYS A 83 23.45 7.46 -13.64
C LYS A 83 24.44 6.94 -14.68
N CYS A 84 25.23 5.96 -14.32
CA CYS A 84 26.24 5.37 -15.19
C CYS A 84 25.59 4.58 -16.34
N HIS A 85 24.68 3.69 -15.99
CA HIS A 85 24.03 2.86 -17.01
C HIS A 85 22.82 3.54 -17.69
N GLU A 86 22.33 4.64 -17.13
CA GLU A 86 21.16 5.39 -17.61
C GLU A 86 19.85 4.58 -17.55
N PHE A 87 19.34 4.47 -16.33
CA PHE A 87 18.01 3.98 -16.08
C PHE A 87 17.43 4.73 -14.90
N LEU A 88 16.11 4.79 -14.87
CA LEU A 88 15.42 5.43 -13.74
CA LEU A 88 15.35 5.40 -13.77
C LEU A 88 15.17 4.41 -12.64
N ILE A 89 14.94 4.93 -11.43
CA ILE A 89 14.68 4.12 -10.27
C ILE A 89 13.21 4.32 -9.90
N PHE A 90 12.48 3.21 -9.81
CA PHE A 90 11.04 3.18 -9.56
C PHE A 90 10.80 2.33 -8.31
N GLU A 91 10.31 2.91 -7.21
CA GLU A 91 10.12 2.15 -5.99
C GLU A 91 8.72 1.47 -6.05
N ASN A 92 8.68 0.19 -5.73
CA ASN A 92 7.47 -0.63 -5.91
C ASN A 92 6.31 -0.27 -4.96
N ARG A 93 6.61 0.23 -3.77
CA ARG A 93 5.60 0.32 -2.71
C ARG A 93 4.30 0.91 -3.24
N LYS A 94 3.23 0.14 -3.17
CA LYS A 94 1.95 0.56 -3.74
C LYS A 94 1.15 1.45 -2.76
N PHE A 95 1.56 2.73 -2.67
CA PHE A 95 0.92 3.70 -1.75
C PHE A 95 -0.59 3.63 -1.86
N ALA A 96 -1.26 3.58 -0.72
CA ALA A 96 -2.71 3.33 -0.72
C ALA A 96 -3.36 3.79 0.57
N ASP A 97 -3.19 5.06 0.90
CA ASP A 97 -3.67 5.53 2.19
C ASP A 97 -4.15 6.95 1.95
N ILE A 98 -4.64 7.56 3.00
CA ILE A 98 -5.08 8.94 2.94
C ILE A 98 -3.88 9.87 2.67
N GLY A 99 -4.14 11.03 2.11
CA GLY A 99 -3.15 12.01 1.77
C GLY A 99 -2.12 12.30 2.86
N ASN A 100 -2.63 12.57 4.04
CA ASN A 100 -1.75 12.95 5.15
C ASN A 100 -0.76 11.85 5.47
N THR A 101 -1.20 10.61 5.38
CA THR A 101 -0.35 9.44 5.72
C THR A 101 0.64 9.17 4.61
N VAL A 102 0.20 9.11 3.35
CA VAL A 102 1.11 8.76 2.28
C VAL A 102 2.23 9.78 2.16
N LYS A 103 1.93 11.05 2.47
CA LYS A 103 2.92 12.12 2.39
CA LYS A 103 2.97 12.06 2.31
C LYS A 103 4.10 11.73 3.27
N LYS A 104 3.79 11.31 4.49
CA LYS A 104 4.84 10.93 5.42
C LYS A 104 5.57 9.62 5.06
N GLN A 105 4.81 8.66 4.54
CA GLN A 105 5.35 7.38 4.11
C GLN A 105 6.36 7.55 2.94
N TYR A 106 6.14 8.56 2.12
CA TYR A 106 6.92 8.85 0.92
C TYR A 106 8.20 9.58 1.28
N GLU A 107 8.10 10.59 2.15
CA GLU A 107 9.24 11.42 2.52
C GLU A 107 10.07 10.81 3.63
N GLY A 108 9.43 10.07 4.54
CA GLY A 108 10.04 9.86 5.84
C GLY A 108 10.35 8.42 6.16
N GLY A 109 10.32 8.11 7.46
CA GLY A 109 10.80 6.82 7.92
C GLY A 109 12.28 6.53 7.66
N ILE A 110 12.65 5.27 7.80
CA ILE A 110 14.03 4.87 7.54
C ILE A 110 14.36 4.93 6.05
N PHE A 111 13.37 4.72 5.19
CA PHE A 111 13.65 4.60 3.76
C PHE A 111 13.80 5.91 3.00
N LYS A 112 13.10 6.97 3.41
CA LYS A 112 13.12 8.25 2.75
C LYS A 112 12.97 8.07 1.24
N ILE A 113 11.96 7.33 0.82
CA ILE A 113 11.82 6.98 -0.59
C ILE A 113 11.94 8.15 -1.56
N ALA A 114 11.34 9.29 -1.24
CA ALA A 114 11.35 10.42 -2.13
C ALA A 114 12.79 10.97 -2.40
N SER A 115 13.71 10.69 -1.49
CA SER A 115 15.10 11.10 -1.63
C SER A 115 15.91 10.35 -2.68
N TRP A 116 15.40 9.24 -3.22
CA TRP A 116 16.16 8.48 -4.19
C TRP A 116 15.33 7.90 -5.33
N ALA A 117 14.00 7.80 -5.17
CA ALA A 117 13.15 7.22 -6.24
C ALA A 117 12.67 8.27 -7.25
N ASP A 118 13.01 8.09 -8.53
CA ASP A 118 12.53 8.98 -9.58
C ASP A 118 11.03 8.85 -9.67
N LEU A 119 10.57 7.59 -9.56
CA LEU A 119 9.13 7.28 -9.73
C LEU A 119 8.60 6.49 -8.54
N VAL A 120 7.37 6.79 -8.14
CA VAL A 120 6.58 5.93 -7.24
C VAL A 120 5.27 5.59 -7.92
N ASN A 121 4.54 4.62 -7.33
CA ASN A 121 3.18 4.34 -7.80
C ASN A 121 2.19 4.38 -6.65
N ALA A 122 0.95 4.69 -6.96
CA ALA A 122 -0.10 4.80 -5.97
C ALA A 122 -1.39 4.23 -6.46
N HIS A 123 -2.10 3.61 -5.53
CA HIS A 123 -3.47 3.17 -5.77
C HIS A 123 -4.41 4.38 -5.71
N VAL A 124 -5.48 4.31 -6.49
CA VAL A 124 -6.44 5.43 -6.53
C VAL A 124 -7.66 5.23 -5.64
N VAL A 125 -7.74 4.08 -5.01
CA VAL A 125 -8.85 3.78 -4.10
C VAL A 125 -9.15 4.84 -3.01
N PRO A 126 -8.12 5.51 -2.42
CA PRO A 126 -8.48 6.52 -1.42
C PRO A 126 -9.11 7.82 -1.96
N GLY A 127 -9.16 7.99 -3.29
CA GLY A 127 -9.51 9.29 -3.86
C GLY A 127 -8.30 10.14 -4.10
N SER A 128 -8.47 11.32 -4.70
CA SER A 128 -7.35 12.11 -5.20
C SER A 128 -6.41 12.66 -4.13
N GLY A 129 -6.84 12.66 -2.86
CA GLY A 129 -5.92 13.04 -1.77
C GLY A 129 -4.69 12.20 -1.72
N VAL A 130 -4.75 10.95 -2.19
CA VAL A 130 -3.51 10.16 -2.22
C VAL A 130 -2.47 10.84 -3.12
N VAL A 131 -2.90 11.36 -4.26
CA VAL A 131 -2.03 12.08 -5.18
C VAL A 131 -1.61 13.42 -4.61
N LYS A 132 -2.56 14.14 -4.00
CA LYS A 132 -2.26 15.47 -3.48
C LYS A 132 -1.24 15.39 -2.37
N GLY A 133 -1.34 14.34 -1.53
CA GLY A 133 -0.33 14.13 -0.47
C GLY A 133 1.04 13.81 -1.02
N LEU A 134 1.12 12.81 -1.93
CA LEU A 134 2.44 12.46 -2.52
C LEU A 134 3.03 13.66 -3.23
N GLN A 135 2.19 14.40 -3.98
CA GLN A 135 2.75 15.53 -4.76
C GLN A 135 3.37 16.64 -3.90
N GLU A 136 2.91 16.78 -2.66
CA GLU A 136 3.43 17.80 -1.77
C GLU A 136 4.88 17.54 -1.47
N VAL A 137 5.27 16.27 -1.47
CA VAL A 137 6.67 15.86 -1.28
C VAL A 137 7.42 15.72 -2.60
N GLY A 138 6.76 15.15 -3.61
CA GLY A 138 7.42 14.83 -4.86
C GLY A 138 7.73 15.99 -5.77
N LEU A 139 6.86 17.01 -5.79
CA LEU A 139 7.05 18.11 -6.71
C LEU A 139 8.35 18.85 -6.34
N PRO A 140 8.55 19.16 -5.06
CA PRO A 140 9.81 19.86 -4.78
C PRO A 140 11.03 19.02 -5.12
N LEU A 141 10.86 17.72 -5.02
CA LEU A 141 11.99 16.80 -5.25
C LEU A 141 12.05 16.38 -6.74
N HIS A 142 11.25 17.03 -7.59
CA HIS A 142 11.35 16.80 -9.05
C HIS A 142 10.96 15.36 -9.46
N ARG A 143 10.06 14.77 -8.73
CA ARG A 143 9.70 13.34 -8.94
C ARG A 143 8.45 13.21 -9.77
N GLY A 144 8.15 11.97 -10.16
CA GLY A 144 6.87 11.64 -10.83
C GLY A 144 6.20 10.45 -10.18
N CYS A 145 4.94 10.27 -10.53
CA CYS A 145 4.12 9.21 -9.97
CA CYS A 145 4.22 9.11 -10.00
C CYS A 145 3.33 8.46 -11.07
N LEU A 146 3.04 7.19 -10.85
CA LEU A 146 2.17 6.36 -11.72
C LEU A 146 0.95 5.97 -10.91
N LEU A 147 -0.25 6.03 -11.51
CA LEU A 147 -1.41 5.57 -10.82
C LEU A 147 -1.75 4.18 -11.30
N ILE A 148 -2.16 3.36 -10.36
CA ILE A 148 -2.47 1.93 -10.63
C ILE A 148 -3.93 1.83 -11.17
N ALA A 149 -4.03 1.78 -12.49
CA ALA A 149 -5.34 1.82 -13.17
C ALA A 149 -5.93 0.43 -13.35
N GLU A 150 -5.06 -0.58 -13.48
CA GLU A 150 -5.43 -1.97 -13.59
C GLU A 150 -4.36 -2.79 -12.88
N MET A 151 -4.74 -3.97 -12.42
CA MET A 151 -3.77 -4.93 -11.85
C MET A 151 -3.79 -6.24 -12.63
N SER A 152 -2.69 -6.97 -12.51
CA SER A 152 -2.47 -8.20 -13.28
C SER A 152 -3.06 -9.45 -12.59
N SER A 153 -3.48 -9.34 -11.34
CA SER A 153 -3.78 -10.51 -10.48
C SER A 153 -5.24 -10.93 -10.60
N THR A 154 -5.48 -12.20 -10.32
CA THR A 154 -6.80 -12.78 -10.41
C THR A 154 -7.70 -12.16 -9.39
N GLY A 155 -8.87 -11.72 -9.88
CA GLY A 155 -9.90 -11.09 -9.05
C GLY A 155 -9.73 -9.58 -8.84
N SER A 156 -8.85 -8.95 -9.60
CA SER A 156 -8.61 -7.50 -9.50
C SER A 156 -9.91 -6.75 -9.63
N LEU A 157 -10.09 -5.77 -8.73
CA LEU A 157 -11.24 -4.88 -8.74
C LEU A 157 -10.92 -3.58 -9.50
N ALA A 158 -9.69 -3.44 -10.05
CA ALA A 158 -9.31 -2.23 -10.74
C ALA A 158 -9.78 -2.35 -12.19
N THR A 159 -11.10 -2.26 -12.40
CA THR A 159 -11.72 -2.47 -13.69
C THR A 159 -12.85 -1.43 -13.87
N GLY A 160 -13.27 -1.25 -15.12
CA GLY A 160 -14.43 -0.43 -15.35
C GLY A 160 -14.35 1.01 -14.89
N ASP A 161 -15.33 1.43 -14.07
CA ASP A 161 -15.38 2.79 -13.53
C ASP A 161 -14.14 3.12 -12.63
N TYR A 162 -13.58 2.11 -11.97
CA TYR A 162 -12.35 2.31 -11.15
C TYR A 162 -11.20 2.76 -12.09
N THR A 163 -11.00 2.04 -13.17
CA THR A 163 -9.97 2.37 -14.12
C THR A 163 -10.16 3.77 -14.70
N ARG A 164 -11.40 4.08 -15.08
CA ARG A 164 -11.72 5.40 -15.57
C ARG A 164 -11.46 6.52 -14.55
N ALA A 165 -11.75 6.25 -13.27
CA ALA A 165 -11.39 7.18 -12.20
C ALA A 165 -9.90 7.42 -12.12
N ALA A 166 -9.08 6.37 -12.31
CA ALA A 166 -7.63 6.52 -12.30
C ALA A 166 -7.14 7.43 -13.41
N VAL A 167 -7.71 7.24 -14.59
CA VAL A 167 -7.35 8.06 -15.73
C VAL A 167 -7.74 9.51 -15.51
N ARG A 168 -8.95 9.79 -15.00
CA ARG A 168 -9.32 11.17 -14.69
CA ARG A 168 -9.34 11.16 -14.67
C ARG A 168 -8.39 11.77 -13.64
N MET A 169 -8.08 11.01 -12.60
CA MET A 169 -7.17 11.51 -11.58
CA MET A 169 -7.16 11.50 -11.57
C MET A 169 -5.82 11.87 -12.15
N ALA A 170 -5.32 11.05 -13.06
CA ALA A 170 -4.02 11.31 -13.65
C ALA A 170 -4.03 12.60 -14.48
N GLU A 171 -5.06 12.72 -15.29
CA GLU A 171 -5.24 13.87 -16.18
CA GLU A 171 -5.13 13.84 -16.19
C GLU A 171 -5.30 15.15 -15.42
N GLU A 172 -5.91 15.10 -14.23
CA GLU A 172 -6.13 16.28 -13.38
C GLU A 172 -4.92 16.58 -12.52
N HIS A 173 -3.94 15.68 -12.48
CA HIS A 173 -2.71 15.94 -11.73
C HIS A 173 -1.46 15.73 -12.58
N SER A 174 -1.51 16.21 -13.82
CA SER A 174 -0.41 16.00 -14.76
C SER A 174 0.91 16.70 -14.43
N GLU A 175 0.91 17.62 -13.47
CA GLU A 175 2.20 18.13 -12.99
C GLU A 175 3.05 17.12 -12.23
N PHE A 176 2.40 16.06 -11.72
CA PHE A 176 3.09 15.04 -10.93
C PHE A 176 2.92 13.62 -11.48
N VAL A 177 1.70 13.31 -11.91
CA VAL A 177 1.38 11.98 -12.47
C VAL A 177 1.86 11.90 -13.90
N VAL A 178 2.76 10.95 -14.17
CA VAL A 178 3.31 10.78 -15.48
C VAL A 178 2.80 9.55 -16.28
N GLY A 179 1.90 8.79 -15.68
CA GLY A 179 1.42 7.58 -16.33
C GLY A 179 0.81 6.63 -15.37
N PHE A 180 0.76 5.37 -15.84
CA PHE A 180 -0.05 4.33 -15.23
C PHE A 180 0.68 3.01 -15.09
N ILE A 181 0.31 2.31 -14.04
CA ILE A 181 0.46 0.86 -14.00
C ILE A 181 -0.83 0.28 -14.51
N SER A 182 -0.72 -0.46 -15.61
CA SER A 182 -1.93 -0.98 -16.28
C SER A 182 -1.63 -2.20 -17.11
N GLY A 183 -2.69 -2.86 -17.57
CA GLY A 183 -2.45 -4.00 -18.43
C GLY A 183 -2.53 -3.66 -19.92
N SER A 184 -2.93 -2.43 -20.21
CA SER A 184 -3.16 -1.96 -21.55
CA SER A 184 -3.21 -1.96 -21.55
C SER A 184 -3.07 -0.44 -21.56
N ARG A 185 -3.09 0.15 -22.74
CA ARG A 185 -3.31 1.58 -22.89
C ARG A 185 -4.67 1.97 -22.31
N VAL A 186 -4.68 2.90 -21.36
CA VAL A 186 -5.91 3.35 -20.75
C VAL A 186 -6.18 4.84 -21.03
N SER A 187 -5.13 5.59 -21.32
CA SER A 187 -5.23 7.02 -21.69
C SER A 187 -4.83 7.18 -23.15
N MET A 188 -5.61 7.98 -23.87
CA MET A 188 -5.30 8.39 -25.23
C MET A 188 -4.32 9.57 -25.34
N LYS A 189 -3.85 10.10 -24.22
CA LYS A 189 -2.92 11.22 -24.22
C LYS A 189 -1.50 10.67 -24.25
N PRO A 190 -0.69 11.07 -25.26
CA PRO A 190 0.62 10.47 -25.47
C PRO A 190 1.68 10.93 -24.46
N GLU A 191 1.39 11.99 -23.69
CA GLU A 191 2.26 12.43 -22.58
C GLU A 191 2.28 11.43 -21.43
N PHE A 192 1.33 10.49 -21.37
CA PHE A 192 1.32 9.49 -20.26
C PHE A 192 1.98 8.20 -20.65
N LEU A 193 2.79 7.68 -19.74
CA LEU A 193 3.41 6.39 -19.94
C LEU A 193 2.49 5.27 -19.44
N HIS A 194 2.59 4.10 -20.05
CA HIS A 194 1.88 2.90 -19.59
C HIS A 194 2.88 1.81 -19.31
N LEU A 195 2.92 1.39 -18.07
CA LEU A 195 3.90 0.37 -17.64
C LEU A 195 3.08 -0.89 -17.24
N THR A 196 3.45 -2.06 -17.74
CA THR A 196 2.68 -3.26 -17.53
C THR A 196 3.47 -4.35 -16.86
N PRO A 197 3.04 -4.72 -15.64
CA PRO A 197 3.61 -5.94 -14.98
C PRO A 197 2.75 -7.15 -15.33
N GLY A 198 3.12 -8.30 -14.83
CA GLY A 198 2.47 -9.52 -15.21
C GLY A 198 2.88 -9.96 -16.61
N VAL A 199 4.19 -9.97 -16.84
CA VAL A 199 4.76 -10.28 -18.15
C VAL A 199 5.75 -11.41 -18.06
N GLN A 200 5.54 -12.41 -18.91
CA GLN A 200 6.51 -13.48 -19.19
CA GLN A 200 6.57 -13.41 -19.20
C GLN A 200 6.35 -13.92 -20.65
N LEU A 201 7.37 -14.53 -21.20
CA LEU A 201 7.30 -15.03 -22.60
C LEU A 201 6.28 -16.14 -22.76
N GLU A 202 6.20 -17.02 -21.77
CA GLU A 202 5.31 -18.19 -21.81
C GLU A 202 4.03 -17.92 -21.04
N ALA A 203 2.96 -18.60 -21.45
CA ALA A 203 1.73 -18.56 -20.70
C ALA A 203 1.89 -19.13 -19.27
N GLY A 204 1.06 -18.62 -18.36
CA GLY A 204 1.03 -19.13 -17.00
C GLY A 204 0.73 -18.08 -15.96
N GLY A 205 1.11 -18.40 -14.71
CA GLY A 205 0.76 -17.59 -13.56
C GLY A 205 1.65 -17.99 -12.41
N ASP A 206 1.37 -17.48 -11.22
CA ASP A 206 2.00 -18.07 -10.03
C ASP A 206 0.93 -18.72 -9.13
N ASN A 207 1.32 -19.17 -7.96
CA ASN A 207 0.39 -19.86 -7.09
CA ASN A 207 0.44 -19.85 -7.03
C ASN A 207 -0.31 -18.94 -6.07
N LEU A 208 -0.23 -17.63 -6.30
CA LEU A 208 -0.88 -16.62 -5.45
C LEU A 208 -1.55 -15.56 -6.34
N GLY A 209 -2.11 -16.01 -7.45
CA GLY A 209 -2.93 -15.17 -8.27
C GLY A 209 -2.31 -14.26 -9.32
N GLN A 210 -0.96 -14.27 -9.47
CA GLN A 210 -0.35 -13.55 -10.60
C GLN A 210 -0.74 -14.20 -11.93
N GLN A 211 -1.03 -13.39 -12.95
CA GLN A 211 -1.33 -13.85 -14.28
C GLN A 211 -0.37 -13.20 -15.27
N TYR A 212 0.11 -13.96 -16.24
CA TYR A 212 1.12 -13.48 -17.19
C TYR A 212 0.57 -13.33 -18.59
N ASN A 213 1.02 -12.28 -19.27
CA ASN A 213 0.84 -12.13 -20.72
C ASN A 213 2.19 -11.80 -21.31
N SER A 214 2.32 -11.97 -22.62
CA SER A 214 3.60 -11.86 -23.31
C SER A 214 3.91 -10.39 -23.67
N PRO A 215 5.19 -10.05 -23.88
CA PRO A 215 5.58 -8.69 -24.35
C PRO A 215 4.83 -8.30 -25.63
N GLN A 216 4.71 -9.24 -26.57
CA GLN A 216 3.98 -8.93 -27.80
C GLN A 216 2.53 -8.60 -27.54
N GLU A 217 1.87 -9.37 -26.68
CA GLU A 217 0.46 -9.09 -26.33
C GLU A 217 0.32 -7.72 -25.71
N VAL A 218 1.16 -7.40 -24.71
CA VAL A 218 0.93 -6.21 -23.90
C VAL A 218 1.38 -4.91 -24.59
N ILE A 219 2.51 -4.98 -25.27
CA ILE A 219 3.11 -3.80 -25.99
C ILE A 219 2.43 -3.65 -27.36
N GLY A 220 2.32 -4.76 -28.07
CA GLY A 220 1.87 -4.78 -29.44
C GLY A 220 0.38 -4.72 -29.56
N LYS A 221 -0.34 -5.62 -28.92
CA LYS A 221 -1.77 -5.69 -29.11
C LYS A 221 -2.52 -4.76 -28.15
N ARG A 222 -2.01 -4.61 -26.93
CA ARG A 222 -2.73 -3.86 -25.91
C ARG A 222 -2.20 -2.42 -25.77
N GLY A 223 -1.10 -2.09 -26.43
CA GLY A 223 -0.70 -0.70 -26.59
C GLY A 223 0.08 -0.09 -25.42
N SER A 224 0.64 -0.92 -24.53
CA SER A 224 1.41 -0.42 -23.41
CA SER A 224 1.42 -0.41 -23.41
C SER A 224 2.80 -0.01 -23.89
N ASP A 225 3.56 0.71 -23.06
CA ASP A 225 4.86 1.21 -23.46
C ASP A 225 6.05 0.43 -22.91
N ILE A 226 5.93 -0.02 -21.66
CA ILE A 226 7.03 -0.60 -20.93
C ILE A 226 6.52 -1.92 -20.26
N ILE A 227 7.31 -3.00 -20.33
CA ILE A 227 7.01 -4.22 -19.60
C ILE A 227 7.79 -4.24 -18.29
N ILE A 228 7.16 -4.68 -17.22
CA ILE A 228 7.90 -4.86 -15.91
C ILE A 228 8.04 -6.38 -15.76
N VAL A 229 9.25 -6.88 -15.53
CA VAL A 229 9.49 -8.31 -15.48
C VAL A 229 10.39 -8.58 -14.29
N GLY A 230 9.95 -9.46 -13.40
CA GLY A 230 10.74 -9.89 -12.24
C GLY A 230 11.27 -11.31 -12.43
N ARG A 231 10.43 -12.27 -12.01
CA ARG A 231 10.80 -13.64 -11.99
C ARG A 231 11.17 -14.18 -13.37
N GLY A 232 10.55 -13.69 -14.44
CA GLY A 232 10.95 -14.12 -15.77
C GLY A 232 12.43 -13.92 -16.07
N ILE A 233 13.04 -12.93 -15.45
CA ILE A 233 14.46 -12.67 -15.59
C ILE A 233 15.20 -13.26 -14.41
N ILE A 234 14.77 -12.95 -13.19
CA ILE A 234 15.59 -13.29 -11.99
C ILE A 234 15.76 -14.81 -11.77
N SER A 235 14.73 -15.57 -12.06
CA SER A 235 14.75 -17.05 -11.89
C SER A 235 15.47 -17.76 -13.02
N ALA A 236 15.77 -17.06 -14.12
CA ALA A 236 16.50 -17.66 -15.26
C ALA A 236 17.94 -18.02 -14.88
N ALA A 237 18.51 -19.01 -15.55
CA ALA A 237 19.90 -19.36 -15.27
C ALA A 237 20.82 -18.22 -15.70
N ASP A 238 20.55 -17.63 -16.87
CA ASP A 238 21.39 -16.56 -17.40
C ASP A 238 20.52 -15.31 -17.43
N ARG A 239 20.69 -14.49 -16.40
CA ARG A 239 19.86 -13.31 -16.21
C ARG A 239 20.12 -12.28 -17.29
N LEU A 240 21.37 -12.14 -17.74
CA LEU A 240 21.64 -11.19 -18.81
C LEU A 240 21.00 -11.62 -20.10
N GLU A 241 21.07 -12.90 -20.46
CA GLU A 241 20.43 -13.36 -21.68
C GLU A 241 18.91 -13.20 -21.58
N ALA A 242 18.35 -13.52 -20.41
CA ALA A 242 16.92 -13.36 -20.20
C ALA A 242 16.51 -11.87 -20.36
N ALA A 243 17.24 -10.96 -19.75
CA ALA A 243 16.91 -9.53 -19.86
C ALA A 243 16.93 -9.15 -21.34
N GLU A 244 17.94 -9.63 -22.07
CA GLU A 244 18.02 -9.33 -23.50
C GLU A 244 16.84 -9.88 -24.30
N MET A 245 16.39 -11.10 -24.01
CA MET A 245 15.22 -11.64 -24.70
CA MET A 245 15.21 -11.66 -24.69
C MET A 245 14.00 -10.77 -24.45
N TYR A 246 13.83 -10.34 -23.18
CA TYR A 246 12.68 -9.51 -22.87
C TYR A 246 12.76 -8.13 -23.53
N ARG A 247 13.93 -7.54 -23.54
CA ARG A 247 14.16 -6.23 -24.14
C ARG A 247 13.85 -6.30 -25.63
N LYS A 248 14.40 -7.31 -26.29
CA LYS A 248 14.22 -7.47 -27.74
C LYS A 248 12.77 -7.69 -28.09
N ALA A 249 12.10 -8.47 -27.25
CA ALA A 249 10.69 -8.77 -27.45
C ALA A 249 9.86 -7.49 -27.31
N ALA A 250 10.08 -6.74 -26.23
CA ALA A 250 9.29 -5.52 -26.02
C ALA A 250 9.62 -4.43 -27.08
N TRP A 251 10.89 -4.35 -27.47
CA TRP A 251 11.34 -3.35 -28.39
C TRP A 251 10.78 -3.59 -29.77
N GLU A 252 10.77 -4.83 -30.21
CA GLU A 252 10.25 -5.16 -31.53
CA GLU A 252 10.25 -5.17 -31.54
C GLU A 252 8.75 -4.96 -31.57
N ALA A 253 8.05 -5.23 -30.46
CA ALA A 253 6.61 -5.05 -30.40
C ALA A 253 6.24 -3.58 -30.52
N TYR A 254 7.02 -2.74 -29.88
CA TYR A 254 6.85 -1.30 -30.01
C TYR A 254 7.13 -0.83 -31.44
N LEU A 255 8.21 -1.28 -32.04
CA LEU A 255 8.54 -0.84 -33.38
C LEU A 255 7.44 -1.19 -34.37
N SER A 256 6.81 -2.34 -34.16
CA SER A 256 5.84 -2.83 -35.11
CA SER A 256 5.78 -2.87 -35.05
C SER A 256 4.57 -1.99 -35.01
N ARG A 257 4.22 -1.61 -33.80
CA ARG A 257 3.07 -0.78 -33.59
CA ARG A 257 3.04 -0.78 -33.61
C ARG A 257 3.32 0.58 -34.20
N LEU A 258 4.58 0.97 -34.25
CA LEU A 258 4.98 2.28 -34.73
C LEU A 258 4.91 2.39 -36.23
N GLY A 259 5.23 1.30 -36.94
CA GLY A 259 5.14 1.28 -38.40
C GLY A 259 6.23 2.09 -39.05
N MET B 3 -30.75 -8.31 19.09
CA MET B 3 -29.81 -9.34 18.57
C MET B 3 -28.35 -8.92 18.79
N GLU B 4 -28.15 -7.82 19.51
CA GLU B 4 -26.84 -7.25 19.73
C GLU B 4 -26.15 -7.96 20.91
N LEU B 5 -24.94 -8.41 20.73
CA LEU B 5 -24.19 -9.02 21.80
C LEU B 5 -23.11 -8.08 22.29
N SER B 6 -22.81 -8.19 23.57
CA SER B 6 -21.68 -7.50 24.15
C SER B 6 -20.37 -8.01 23.54
N PHE B 7 -19.30 -7.22 23.68
CA PHE B 7 -17.95 -7.68 23.30
C PHE B 7 -17.57 -8.97 24.02
N GLY B 8 -17.86 -9.08 25.31
CA GLY B 8 -17.55 -10.31 26.01
C GLY B 8 -18.22 -11.55 25.50
N ALA B 9 -19.50 -11.43 25.13
CA ALA B 9 -20.23 -12.54 24.56
C ALA B 9 -19.70 -12.89 23.15
N ARG B 10 -19.32 -11.86 22.40
CA ARG B 10 -18.80 -12.08 21.05
C ARG B 10 -17.46 -12.81 21.09
N ALA B 11 -16.70 -12.56 22.16
CA ALA B 11 -15.42 -13.25 22.36
C ALA B 11 -15.62 -14.78 22.44
N GLU B 12 -16.87 -15.23 22.72
CA GLU B 12 -17.21 -16.68 22.88
C GLU B 12 -17.94 -17.28 21.72
N LEU B 13 -18.15 -16.49 20.66
CA LEU B 13 -18.78 -17.02 19.47
C LEU B 13 -18.03 -18.24 18.91
N PRO B 14 -18.79 -19.22 18.40
CA PRO B 14 -18.13 -20.44 17.96
C PRO B 14 -17.03 -20.25 16.90
N ARG B 15 -17.30 -19.41 15.91
CA ARG B 15 -16.37 -19.27 14.76
C ARG B 15 -15.34 -18.14 14.97
N ILE B 16 -15.14 -17.67 16.21
CA ILE B 16 -14.29 -16.50 16.45
C ILE B 16 -12.80 -16.86 16.36
N HIS B 17 -12.02 -16.01 15.72
CA HIS B 17 -10.58 -16.18 15.68
C HIS B 17 -10.04 -15.87 17.06
N PRO B 18 -9.00 -16.61 17.52
CA PRO B 18 -8.38 -16.37 18.81
C PRO B 18 -7.86 -14.95 19.03
N VAL B 19 -7.28 -14.34 18.00
CA VAL B 19 -6.87 -12.91 18.13
C VAL B 19 -8.08 -11.99 18.38
N ALA B 20 -9.19 -12.23 17.67
CA ALA B 20 -10.39 -11.48 17.85
C ALA B 20 -10.95 -11.70 19.24
N SER B 21 -10.87 -12.95 19.71
CA SER B 21 -11.34 -13.27 21.05
C SER B 21 -10.53 -12.56 22.13
N LYS B 22 -9.22 -12.56 21.95
CA LYS B 22 -8.35 -11.89 22.91
C LYS B 22 -8.71 -10.39 22.96
N LEU B 23 -8.92 -9.79 21.79
CA LEU B 23 -9.25 -8.39 21.68
C LEU B 23 -10.58 -8.08 22.38
N LEU B 24 -11.61 -8.86 22.02
CA LEU B 24 -12.95 -8.60 22.55
C LEU B 24 -12.99 -8.75 24.07
N ARG B 25 -12.22 -9.70 24.60
CA ARG B 25 -12.13 -9.91 26.04
C ARG B 25 -11.49 -8.73 26.73
N LEU B 26 -10.39 -8.22 26.18
CA LEU B 26 -9.79 -7.07 26.82
C LEU B 26 -10.62 -5.79 26.63
N MET B 27 -11.40 -5.66 25.56
CA MET B 27 -12.24 -4.51 25.39
C MET B 27 -13.26 -4.49 26.54
N GLN B 28 -13.85 -5.66 26.77
CA GLN B 28 -14.88 -5.81 27.81
C GLN B 28 -14.30 -5.57 29.18
N LYS B 29 -13.12 -6.15 29.46
CA LYS B 29 -12.45 -5.98 30.78
C LYS B 29 -12.05 -4.53 31.10
N LYS B 30 -11.54 -3.84 30.10
CA LYS B 30 -11.04 -2.50 30.30
C LYS B 30 -12.05 -1.41 30.03
N GLU B 31 -13.19 -1.78 29.49
CA GLU B 31 -14.17 -0.80 29.00
C GLU B 31 -13.57 0.20 28.00
N THR B 32 -12.92 -0.35 26.97
CA THR B 32 -12.43 0.47 25.87
C THR B 32 -12.62 -0.20 24.51
N ASN B 33 -13.13 0.59 23.57
CA ASN B 33 -13.18 0.24 22.12
C ASN B 33 -12.49 1.35 21.30
N LEU B 34 -11.39 1.84 21.85
CA LEU B 34 -10.56 2.88 21.27
C LEU B 34 -9.22 2.31 20.79
N CYS B 35 -8.94 2.53 19.51
CA CYS B 35 -7.65 2.22 18.91
C CYS B 35 -6.91 3.54 18.70
N LEU B 36 -5.74 3.71 19.35
CA LEU B 36 -4.90 4.89 19.15
C LEU B 36 -4.12 4.72 17.85
N SER B 37 -4.18 5.70 16.97
CA SER B 37 -3.39 5.69 15.75
C SER B 37 -2.16 6.49 16.03
N ALA B 38 -1.09 5.80 16.34
CA ALA B 38 0.15 6.42 16.84
C ALA B 38 1.05 6.93 15.71
N ASP B 39 0.58 7.98 15.06
CA ASP B 39 1.20 8.48 13.85
C ASP B 39 2.28 9.50 14.19
N VAL B 40 3.37 9.02 14.72
CA VAL B 40 4.44 9.85 15.24
C VAL B 40 5.72 9.33 14.60
N SER B 41 6.74 10.17 14.57
CA SER B 41 7.99 9.83 13.87
C SER B 41 9.14 9.35 14.75
N LEU B 42 9.00 9.49 16.07
CA LEU B 42 10.05 9.13 17.02
C LEU B 42 9.61 7.99 17.93
N ALA B 43 10.51 7.02 18.09
CA ALA B 43 10.31 5.89 18.96
C ALA B 43 9.97 6.33 20.37
N ARG B 44 10.64 7.37 20.86
CA ARG B 44 10.43 7.79 22.24
C ARG B 44 9.03 8.29 22.46
N GLU B 45 8.49 9.01 21.49
CA GLU B 45 7.11 9.45 21.56
C GLU B 45 6.11 8.27 21.47
N LEU B 46 6.35 7.35 20.53
CA LEU B 46 5.55 6.12 20.40
C LEU B 46 5.44 5.38 21.74
N LEU B 47 6.57 5.18 22.38
CA LEU B 47 6.62 4.38 23.58
C LEU B 47 6.03 5.14 24.75
N GLN B 48 6.29 6.44 24.83
CA GLN B 48 5.63 7.25 25.86
C GLN B 48 4.11 7.29 25.73
N LEU B 49 3.59 7.40 24.49
CA LEU B 49 2.17 7.30 24.27
C LEU B 49 1.61 5.93 24.58
N ALA B 50 2.33 4.89 24.19
CA ALA B 50 1.94 3.52 24.45
C ALA B 50 1.83 3.26 25.95
N ASP B 51 2.79 3.73 26.72
CA ASP B 51 2.73 3.51 28.18
C ASP B 51 1.58 4.26 28.85
N ALA B 52 1.51 5.56 28.55
CA ALA B 52 0.57 6.47 29.19
C ALA B 52 -0.86 6.20 28.81
N LEU B 53 -1.09 5.93 27.52
CA LEU B 53 -2.43 5.66 27.05
C LEU B 53 -2.83 4.18 27.04
N GLY B 54 -1.90 3.26 27.28
CA GLY B 54 -2.19 1.81 27.23
C GLY B 54 -3.45 1.40 28.00
N PRO B 55 -3.63 1.91 29.24
CA PRO B 55 -4.88 1.61 30.00
C PRO B 55 -6.20 2.05 29.36
N SER B 56 -6.14 3.03 28.48
CA SER B 56 -7.33 3.62 27.84
C SER B 56 -7.69 3.00 26.52
N ILE B 57 -6.83 2.16 25.98
CA ILE B 57 -7.00 1.68 24.59
C ILE B 57 -7.12 0.16 24.53
N CYS B 58 -7.79 -0.34 23.51
CA CYS B 58 -7.83 -1.76 23.24
C CYS B 58 -6.75 -2.18 22.22
N MET B 59 -6.15 -1.19 21.56
CA MET B 59 -5.31 -1.40 20.39
C MET B 59 -4.50 -0.18 20.13
N LEU B 60 -3.23 -0.42 19.76
CA LEU B 60 -2.38 0.64 19.26
CA LEU B 60 -2.36 0.62 19.26
C LEU B 60 -2.03 0.33 17.81
N LYS B 61 -2.34 1.29 16.93
CA LYS B 61 -2.02 1.18 15.52
C LYS B 61 -0.70 1.87 15.27
N THR B 62 0.31 1.07 14.94
CA THR B 62 1.65 1.54 14.62
C THR B 62 1.73 1.93 13.16
N HIS B 63 2.69 2.77 12.86
CA HIS B 63 2.91 3.22 11.53
C HIS B 63 4.43 3.14 11.28
N VAL B 64 4.94 1.91 11.16
CA VAL B 64 6.42 1.76 11.16
C VAL B 64 7.10 2.42 9.96
N ASP B 65 6.36 2.63 8.86
CA ASP B 65 6.93 3.27 7.67
C ASP B 65 7.24 4.74 7.86
N ILE B 66 6.75 5.33 8.95
CA ILE B 66 7.07 6.73 9.25
C ILE B 66 7.98 6.88 10.52
N LEU B 67 8.40 5.77 11.11
CA LEU B 67 9.21 5.80 12.34
C LEU B 67 10.68 5.93 11.99
N ASN B 68 11.21 7.13 12.21
CA ASN B 68 12.57 7.40 11.75
C ASN B 68 13.64 6.61 12.42
N ASP B 69 13.41 6.21 13.67
CA ASP B 69 14.41 5.47 14.43
C ASP B 69 13.87 4.09 14.81
N PHE B 70 13.08 3.50 13.90
CA PHE B 70 12.68 2.11 14.04
C PHE B 70 13.90 1.17 14.33
N THR B 71 13.71 0.29 15.31
CA THR B 71 14.48 -0.95 15.39
C THR B 71 13.58 -1.99 15.93
N LEU B 72 14.01 -3.25 15.83
CA LEU B 72 13.20 -4.36 16.36
C LEU B 72 13.22 -4.28 17.90
N ASP B 73 14.24 -3.60 18.46
CA ASP B 73 14.26 -3.42 19.92
C ASP B 73 13.15 -2.46 20.40
N VAL B 74 12.81 -1.48 19.56
CA VAL B 74 11.71 -0.61 19.85
C VAL B 74 10.43 -1.45 19.90
N MET B 75 10.25 -2.35 18.94
CA MET B 75 9.03 -3.17 18.94
CA MET B 75 9.05 -3.20 18.92
C MET B 75 8.99 -4.17 20.10
N LYS B 76 10.16 -4.64 20.53
CA LYS B 76 10.26 -5.48 21.73
C LYS B 76 9.70 -4.70 22.94
N GLU B 77 10.09 -3.44 23.08
CA GLU B 77 9.61 -2.63 24.20
CA GLU B 77 9.62 -2.63 24.21
C GLU B 77 8.12 -2.38 24.05
N LEU B 78 7.68 -2.16 22.81
CA LEU B 78 6.24 -1.98 22.58
C LEU B 78 5.41 -3.21 22.97
N ILE B 79 5.89 -4.40 22.62
CA ILE B 79 5.25 -5.66 22.99
C ILE B 79 5.19 -5.78 24.53
N THR B 80 6.26 -5.36 25.24
CA THR B 80 6.20 -5.36 26.70
C THR B 80 5.06 -4.49 27.23
N LEU B 81 4.90 -3.31 26.64
CA LEU B 81 3.82 -2.42 27.06
C LEU B 81 2.42 -2.96 26.69
N ALA B 82 2.33 -3.58 25.52
CA ALA B 82 1.09 -4.19 25.06
C ALA B 82 0.66 -5.32 26.02
N LYS B 83 1.63 -6.12 26.43
CA LYS B 83 1.39 -7.16 27.45
C LYS B 83 1.03 -6.62 28.80
N CYS B 84 1.69 -5.56 29.24
CA CYS B 84 1.47 -4.96 30.53
C CYS B 84 0.08 -4.33 30.62
N HIS B 85 -0.26 -3.51 29.64
CA HIS B 85 -1.44 -2.71 29.68
C HIS B 85 -2.60 -3.41 29.01
N GLU B 86 -2.32 -4.52 28.32
CA GLU B 86 -3.33 -5.31 27.62
C GLU B 86 -3.98 -4.56 26.46
N PHE B 87 -3.24 -4.43 25.37
CA PHE B 87 -3.79 -4.00 24.09
C PHE B 87 -3.11 -4.74 22.98
N LEU B 88 -3.73 -4.82 21.80
CA LEU B 88 -3.13 -5.45 20.65
CA LEU B 88 -3.12 -5.45 20.64
C LEU B 88 -2.34 -4.43 19.82
N ILE B 89 -1.41 -4.94 19.03
CA ILE B 89 -0.64 -4.09 18.14
C ILE B 89 -1.13 -4.36 16.72
N PHE B 90 -1.50 -3.28 16.04
CA PHE B 90 -2.05 -3.27 14.67
C PHE B 90 -1.11 -2.41 13.83
N GLU B 91 -0.44 -3.00 12.86
CA GLU B 91 0.44 -2.22 11.96
C GLU B 91 -0.39 -1.61 10.83
N ASN B 92 -0.22 -0.33 10.57
CA ASN B 92 -1.10 0.43 9.62
C ASN B 92 -0.90 0.06 8.15
N ARG B 93 0.28 -0.39 7.78
CA ARG B 93 0.65 -0.52 6.35
C ARG B 93 -0.49 -1.17 5.55
N LYS B 94 -1.04 -0.45 4.58
CA LYS B 94 -2.20 -0.96 3.89
C LYS B 94 -1.73 -1.77 2.68
N PHE B 95 -1.43 -3.04 2.94
CA PHE B 95 -0.95 -3.99 1.94
C PHE B 95 -1.86 -3.99 0.72
N ALA B 96 -1.28 -3.90 -0.48
CA ALA B 96 -2.09 -3.70 -1.69
C ALA B 96 -1.32 -4.12 -2.91
N ASP B 97 -0.88 -5.36 -2.93
CA ASP B 97 -0.02 -5.87 -4.00
C ASP B 97 -0.42 -7.30 -4.25
N ILE B 98 0.20 -7.94 -5.25
CA ILE B 98 -0.13 -9.31 -5.55
C ILE B 98 0.32 -10.15 -4.37
N GLY B 99 -0.23 -11.35 -4.27
CA GLY B 99 0.01 -12.23 -3.14
C GLY B 99 1.44 -12.52 -2.89
N ASN B 100 2.20 -12.85 -3.95
CA ASN B 100 3.63 -13.20 -3.75
C ASN B 100 4.42 -12.04 -3.17
N THR B 101 4.08 -10.81 -3.54
CA THR B 101 4.79 -9.65 -3.00
C THR B 101 4.39 -9.35 -1.55
N VAL B 102 3.09 -9.34 -1.25
CA VAL B 102 2.66 -8.96 0.10
C VAL B 102 3.21 -9.97 1.13
N LYS B 103 3.34 -11.24 0.75
CA LYS B 103 3.95 -12.24 1.63
C LYS B 103 5.32 -11.80 2.14
N LYS B 104 6.17 -11.36 1.23
CA LYS B 104 7.49 -10.93 1.59
C LYS B 104 7.51 -9.60 2.37
N GLN B 105 6.65 -8.67 1.95
CA GLN B 105 6.51 -7.41 2.67
C GLN B 105 6.08 -7.60 4.11
N TYR B 106 5.27 -8.65 4.34
CA TYR B 106 4.75 -8.93 5.70
C TYR B 106 5.80 -9.63 6.59
N GLU B 107 6.46 -10.63 6.05
CA GLU B 107 7.43 -11.43 6.81
C GLU B 107 8.77 -10.75 6.94
N GLY B 108 9.18 -10.02 5.91
CA GLY B 108 10.59 -9.69 5.76
C GLY B 108 10.99 -8.24 5.81
N GLY B 109 12.09 -7.95 5.12
CA GLY B 109 12.73 -6.67 5.19
C GLY B 109 13.28 -6.34 6.58
N ILE B 110 13.55 -5.07 6.80
CA ILE B 110 14.00 -4.60 8.10
CA ILE B 110 14.01 -4.62 8.10
C ILE B 110 12.90 -4.68 9.12
N PHE B 111 11.64 -4.47 8.71
CA PHE B 111 10.60 -4.35 9.73
C PHE B 111 10.12 -5.70 10.33
N LYS B 112 10.14 -6.76 9.55
CA LYS B 112 9.60 -8.06 9.94
C LYS B 112 8.23 -7.94 10.66
N ILE B 113 7.28 -7.28 10.01
CA ILE B 113 6.03 -6.92 10.64
C ILE B 113 5.32 -8.09 11.32
N ALA B 114 5.33 -9.25 10.65
CA ALA B 114 4.59 -10.41 11.15
C ALA B 114 5.14 -10.86 12.51
N SER B 115 6.39 -10.53 12.78
CA SER B 115 7.01 -10.95 14.02
C SER B 115 6.48 -10.23 15.29
N TRP B 116 5.92 -9.05 15.13
CA TRP B 116 5.45 -8.26 16.25
C TRP B 116 4.02 -7.71 16.16
N ALA B 117 3.38 -7.70 14.98
CA ALA B 117 2.07 -7.13 14.86
C ALA B 117 1.00 -8.23 15.01
N ASP B 118 0.04 -8.03 15.92
CA ASP B 118 -1.09 -8.94 16.06
C ASP B 118 -1.96 -8.90 14.83
N LEU B 119 -2.17 -7.67 14.31
CA LEU B 119 -3.15 -7.44 13.25
C LEU B 119 -2.46 -6.63 12.18
N VAL B 120 -2.83 -6.96 10.94
CA VAL B 120 -2.50 -6.20 9.75
C VAL B 120 -3.78 -5.88 8.97
N ASN B 121 -3.67 -4.93 8.05
CA ASN B 121 -4.82 -4.63 7.14
C ASN B 121 -4.37 -4.69 5.70
N ALA B 122 -5.29 -5.10 4.83
CA ALA B 122 -5.01 -5.24 3.41
C ALA B 122 -6.15 -4.62 2.59
N HIS B 123 -5.77 -4.03 1.47
CA HIS B 123 -6.74 -3.61 0.47
C HIS B 123 -7.17 -4.82 -0.33
N VAL B 124 -8.41 -4.78 -0.85
CA VAL B 124 -8.90 -5.91 -1.63
C VAL B 124 -8.83 -5.74 -3.14
N VAL B 125 -8.39 -4.58 -3.59
CA VAL B 125 -8.26 -4.32 -5.02
C VAL B 125 -7.46 -5.35 -5.80
N PRO B 126 -6.38 -5.98 -5.25
CA PRO B 126 -5.67 -6.98 -6.08
C PRO B 126 -6.40 -8.32 -6.27
N GLY B 127 -7.56 -8.48 -5.61
CA GLY B 127 -8.20 -9.77 -5.52
C GLY B 127 -7.65 -10.59 -4.35
N SER B 128 -8.16 -11.80 -4.18
CA SER B 128 -8.03 -12.53 -2.93
C SER B 128 -6.63 -13.08 -2.71
N GLY B 129 -5.82 -13.11 -3.79
CA GLY B 129 -4.37 -13.37 -3.59
C GLY B 129 -3.69 -12.54 -2.50
N VAL B 130 -4.13 -11.29 -2.28
CA VAL B 130 -3.54 -10.45 -1.26
C VAL B 130 -3.74 -11.09 0.12
N VAL B 131 -4.89 -11.69 0.35
CA VAL B 131 -5.22 -12.39 1.61
C VAL B 131 -4.49 -13.71 1.72
N LYS B 132 -4.49 -14.45 0.61
CA LYS B 132 -3.79 -15.70 0.58
C LYS B 132 -2.30 -15.53 0.88
N GLY B 133 -1.69 -14.47 0.32
CA GLY B 133 -0.26 -14.26 0.55
C GLY B 133 0.04 -13.90 2.00
N LEU B 134 -0.79 -13.02 2.58
CA LEU B 134 -0.56 -12.64 3.97
C LEU B 134 -0.81 -13.83 4.89
N GLN B 135 -1.85 -14.60 4.56
CA GLN B 135 -2.23 -15.78 5.36
CA GLN B 135 -2.23 -15.77 5.36
C GLN B 135 -1.10 -16.80 5.49
N GLU B 136 -0.31 -17.01 4.43
CA GLU B 136 0.76 -18.01 4.44
C GLU B 136 1.80 -17.71 5.53
N VAL B 137 1.92 -16.43 5.86
CA VAL B 137 2.86 -15.98 6.87
C VAL B 137 2.17 -15.97 8.25
N GLY B 138 1.00 -15.37 8.28
CA GLY B 138 0.38 -15.04 9.54
C GLY B 138 -0.36 -16.15 10.23
N LEU B 139 -0.83 -17.13 9.47
CA LEU B 139 -1.62 -18.23 10.05
C LEU B 139 -0.92 -18.95 11.22
N PRO B 140 0.34 -19.46 11.04
CA PRO B 140 1.01 -20.17 12.16
C PRO B 140 1.32 -19.28 13.33
N LEU B 141 1.46 -17.96 13.09
CA LEU B 141 1.79 -17.01 14.12
C LEU B 141 0.55 -16.50 14.90
N HIS B 142 -0.60 -17.05 14.56
CA HIS B 142 -1.87 -16.70 15.20
C HIS B 142 -2.21 -15.22 15.02
N ARG B 143 -1.84 -14.70 13.84
CA ARG B 143 -2.17 -13.33 13.47
C ARG B 143 -3.51 -13.25 12.82
N GLY B 144 -4.08 -12.04 12.79
CA GLY B 144 -5.27 -11.81 11.98
C GLY B 144 -5.11 -10.60 11.10
N CYS B 145 -6.05 -10.46 10.18
CA CYS B 145 -6.09 -9.45 9.16
C CYS B 145 -7.48 -8.78 9.10
N LEU B 146 -7.48 -7.47 8.80
CA LEU B 146 -8.69 -6.71 8.53
C LEU B 146 -8.63 -6.34 7.04
N LEU B 147 -9.79 -6.40 6.38
CA LEU B 147 -9.87 -5.99 4.98
CA LEU B 147 -9.89 -6.01 4.98
C LEU B 147 -10.49 -4.59 4.90
N ILE B 148 -9.91 -3.76 4.05
CA ILE B 148 -10.35 -2.36 3.89
C ILE B 148 -11.56 -2.36 2.95
N ALA B 149 -12.73 -2.33 3.57
CA ALA B 149 -14.02 -2.39 2.86
C ALA B 149 -14.51 -1.03 2.43
N GLU B 150 -14.20 -0.02 3.24
CA GLU B 150 -14.60 1.35 2.96
C GLU B 150 -13.44 2.23 3.42
N MET B 151 -13.31 3.42 2.83
CA MET B 151 -12.32 4.39 3.28
C MET B 151 -12.97 5.73 3.69
N SER B 152 -12.31 6.50 4.54
CA SER B 152 -12.84 7.75 5.09
C SER B 152 -12.67 8.99 4.23
N SER B 153 -11.81 8.90 3.21
CA SER B 153 -11.30 10.03 2.47
C SER B 153 -12.21 10.40 1.29
N THR B 154 -12.21 11.67 0.94
CA THR B 154 -13.03 12.16 -0.13
CA THR B 154 -13.03 12.18 -0.15
C THR B 154 -12.64 11.57 -1.47
N GLY B 155 -13.63 11.04 -2.18
CA GLY B 155 -13.39 10.43 -3.46
C GLY B 155 -13.07 8.95 -3.37
N SER B 156 -13.20 8.36 -2.18
CA SER B 156 -12.95 6.95 -1.99
C SER B 156 -13.73 6.14 -3.02
N LEU B 157 -13.05 5.19 -3.65
CA LEU B 157 -13.64 4.25 -4.59
C LEU B 157 -14.09 2.96 -3.91
N ALA B 158 -13.93 2.85 -2.58
CA ALA B 158 -14.27 1.67 -1.82
C ALA B 158 -15.74 1.73 -1.42
N THR B 159 -16.59 1.65 -2.45
CA THR B 159 -18.02 1.77 -2.32
C THR B 159 -18.70 0.67 -3.11
N GLY B 160 -19.99 0.47 -2.85
CA GLY B 160 -20.79 -0.35 -3.79
C GLY B 160 -20.34 -1.78 -3.88
N ASP B 161 -20.14 -2.26 -5.10
CA ASP B 161 -19.70 -3.62 -5.33
C ASP B 161 -18.31 -3.89 -4.78
N TYR B 162 -17.47 -2.87 -4.70
CA TYR B 162 -16.13 -3.01 -4.07
C TYR B 162 -16.27 -3.42 -2.64
N THR B 163 -17.10 -2.70 -1.89
CA THR B 163 -17.34 -3.04 -0.50
C THR B 163 -17.90 -4.47 -0.36
N ARG B 164 -18.91 -4.81 -1.18
CA ARG B 164 -19.43 -6.15 -1.19
C ARG B 164 -18.39 -7.24 -1.45
N ALA B 165 -17.46 -6.94 -2.36
CA ALA B 165 -16.37 -7.86 -2.66
C ALA B 165 -15.49 -8.06 -1.43
N ALA B 166 -15.18 -6.98 -0.72
CA ALA B 166 -14.42 -7.09 0.52
C ALA B 166 -15.11 -7.99 1.55
N VAL B 167 -16.43 -7.83 1.68
CA VAL B 167 -17.16 -8.65 2.67
C VAL B 167 -17.09 -10.13 2.27
N ARG B 168 -17.33 -10.43 1.00
CA ARG B 168 -17.27 -11.81 0.50
C ARG B 168 -15.90 -12.40 0.75
N MET B 169 -14.86 -11.63 0.45
CA MET B 169 -13.50 -12.10 0.62
CA MET B 169 -13.47 -12.08 0.64
C MET B 169 -13.19 -12.41 2.10
N ALA B 170 -13.71 -11.58 3.00
CA ALA B 170 -13.48 -11.80 4.45
C ALA B 170 -14.20 -13.12 4.88
N GLU B 171 -15.42 -13.28 4.42
CA GLU B 171 -16.22 -14.46 4.71
C GLU B 171 -15.56 -15.71 4.22
N GLU B 172 -14.91 -15.65 3.06
CA GLU B 172 -14.30 -16.83 2.49
C GLU B 172 -12.93 -17.14 3.04
N HIS B 173 -12.39 -16.23 3.87
CA HIS B 173 -11.07 -16.42 4.50
C HIS B 173 -11.10 -16.14 5.99
N SER B 174 -12.12 -16.66 6.66
CA SER B 174 -12.36 -16.40 8.08
C SER B 174 -11.38 -17.12 9.00
N GLU B 175 -10.57 -18.02 8.48
CA GLU B 175 -9.50 -18.55 9.31
C GLU B 175 -8.41 -17.50 9.60
N PHE B 176 -8.39 -16.42 8.83
CA PHE B 176 -7.33 -15.37 8.97
C PHE B 176 -7.91 -13.95 9.05
N VAL B 177 -8.94 -13.67 8.26
CA VAL B 177 -9.61 -12.36 8.27
C VAL B 177 -10.53 -12.29 9.45
N VAL B 178 -10.27 -11.33 10.35
CA VAL B 178 -11.04 -11.12 11.58
C VAL B 178 -11.99 -9.90 11.59
N GLY B 179 -12.00 -9.15 10.51
CA GLY B 179 -12.74 -7.94 10.45
C GLY B 179 -12.37 -6.99 9.33
N PHE B 180 -12.84 -5.75 9.50
CA PHE B 180 -12.82 -4.75 8.48
C PHE B 180 -12.41 -3.39 8.98
N ILE B 181 -11.77 -2.65 8.09
CA ILE B 181 -11.65 -1.23 8.19
C ILE B 181 -12.81 -0.74 7.36
N SER B 182 -13.69 -0.03 8.01
CA SER B 182 -14.88 0.48 7.33
C SER B 182 -15.43 1.67 8.04
N GLY B 183 -16.41 2.32 7.42
CA GLY B 183 -17.02 3.48 8.03
C GLY B 183 -18.29 3.11 8.81
N SER B 184 -18.78 1.89 8.60
CA SER B 184 -20.01 1.43 9.19
C SER B 184 -19.94 -0.07 9.25
N ARG B 185 -20.95 -0.67 9.88
CA ARG B 185 -21.11 -2.13 9.87
C ARG B 185 -21.35 -2.57 8.43
N VAL B 186 -20.55 -3.49 7.93
CA VAL B 186 -20.68 -3.95 6.56
C VAL B 186 -21.04 -5.41 6.48
N SER B 187 -20.78 -6.18 7.55
CA SER B 187 -21.16 -7.58 7.65
C SER B 187 -22.12 -7.77 8.79
N MET B 188 -23.07 -8.66 8.60
CA MET B 188 -24.01 -8.96 9.66
C MET B 188 -23.47 -10.04 10.60
N LYS B 189 -22.37 -10.69 10.22
CA LYS B 189 -21.80 -11.75 11.05
C LYS B 189 -21.05 -11.17 12.27
N PRO B 190 -21.56 -11.44 13.49
CA PRO B 190 -21.01 -10.78 14.68
C PRO B 190 -19.60 -11.21 15.04
N GLU B 191 -19.08 -12.24 14.36
CA GLU B 191 -17.71 -12.70 14.58
CA GLU B 191 -17.70 -12.66 14.64
C GLU B 191 -16.72 -11.67 14.02
N PHE B 192 -17.16 -10.85 13.08
CA PHE B 192 -16.25 -9.86 12.47
C PHE B 192 -16.19 -8.56 13.27
N LEU B 193 -14.97 -8.05 13.42
CA LEU B 193 -14.76 -6.74 14.03
C LEU B 193 -14.94 -5.65 12.96
N HIS B 194 -15.50 -4.50 13.34
CA HIS B 194 -15.57 -3.30 12.49
C HIS B 194 -14.79 -2.18 13.16
N LEU B 195 -13.68 -1.78 12.52
CA LEU B 195 -12.87 -0.66 12.99
C LEU B 195 -13.00 0.52 12.04
N THR B 196 -13.21 1.69 12.60
CA THR B 196 -13.54 2.86 11.80
C THR B 196 -12.54 3.98 12.11
N PRO B 197 -11.78 4.38 11.09
CA PRO B 197 -10.98 5.59 11.13
C PRO B 197 -11.78 6.75 10.59
N GLY B 198 -11.18 7.94 10.57
CA GLY B 198 -11.85 9.17 10.23
C GLY B 198 -12.85 9.57 11.33
N VAL B 199 -12.33 9.57 12.55
CA VAL B 199 -13.07 9.90 13.74
C VAL B 199 -12.45 11.06 14.51
N GLN B 200 -13.28 12.03 14.88
CA GLN B 200 -12.93 13.13 15.78
C GLN B 200 -14.20 13.63 16.46
N LEU B 201 -14.04 14.23 17.63
CA LEU B 201 -15.22 14.69 18.38
C LEU B 201 -15.90 15.85 17.65
N GLU B 202 -15.09 16.69 16.99
CA GLU B 202 -15.59 17.88 16.28
C GLU B 202 -15.81 17.58 14.80
N ALA B 203 -16.78 18.27 14.17
CA ALA B 203 -16.95 18.16 12.70
C ALA B 203 -15.73 18.70 11.98
N GLY B 204 -15.43 18.12 10.82
CA GLY B 204 -14.42 18.67 9.94
C GLY B 204 -13.67 17.64 9.12
N GLY B 205 -12.42 17.98 8.82
CA GLY B 205 -11.59 17.13 7.95
C GLY B 205 -10.19 17.66 7.98
N ASP B 206 -9.35 17.27 7.04
CA ASP B 206 -8.02 17.88 6.92
C ASP B 206 -7.91 18.48 5.52
N ASN B 207 -6.74 18.93 5.13
CA ASN B 207 -6.53 19.57 3.83
CA ASN B 207 -6.59 19.56 3.82
C ASN B 207 -6.09 18.60 2.74
N LEU B 208 -6.12 17.30 3.04
CA LEU B 208 -5.69 16.29 2.10
C LEU B 208 -6.74 15.17 2.04
N GLY B 209 -8.01 15.54 2.12
CA GLY B 209 -9.07 14.58 1.82
C GLY B 209 -9.67 13.78 2.98
N GLN B 210 -9.08 13.89 4.17
CA GLN B 210 -9.65 13.17 5.32
C GLN B 210 -10.96 13.81 5.75
N GLN B 211 -11.95 13.00 6.11
CA GLN B 211 -13.22 13.46 6.63
C GLN B 211 -13.50 12.78 7.95
N TYR B 212 -13.99 13.56 8.91
CA TYR B 212 -14.29 13.08 10.22
C TYR B 212 -15.80 12.94 10.55
N ASN B 213 -16.13 11.88 11.30
CA ASN B 213 -17.40 11.68 11.95
C ASN B 213 -17.21 11.45 13.41
N SER B 214 -18.22 11.67 14.24
CA SER B 214 -18.00 11.52 15.69
C SER B 214 -18.08 10.05 16.15
N PRO B 215 -17.52 9.75 17.33
CA PRO B 215 -17.66 8.42 17.94
C PRO B 215 -19.13 7.98 18.07
N GLN B 216 -19.99 8.92 18.47
CA GLN B 216 -21.41 8.58 18.62
C GLN B 216 -22.06 8.20 17.28
N GLU B 217 -21.76 8.93 16.23
CA GLU B 217 -22.26 8.58 14.88
C GLU B 217 -21.75 7.22 14.40
N VAL B 218 -20.46 6.98 14.55
CA VAL B 218 -19.82 5.81 14.02
CA VAL B 218 -19.86 5.79 13.96
C VAL B 218 -20.14 4.53 14.77
N ILE B 219 -20.09 4.60 16.09
CA ILE B 219 -20.38 3.44 16.94
C ILE B 219 -21.90 3.28 17.10
N GLY B 220 -22.54 4.40 17.40
N GLY B 220 -22.59 4.36 17.41
CA GLY B 220 -23.93 4.45 17.83
CA GLY B 220 -24.04 4.30 17.63
C GLY B 220 -24.92 4.29 16.70
C GLY B 220 -24.80 4.06 16.33
N LYS B 221 -24.73 5.02 15.61
N LYS B 221 -24.98 5.15 15.58
CA LYS B 221 -25.67 5.02 14.49
CA LYS B 221 -25.73 5.13 14.35
C LYS B 221 -25.19 4.12 13.32
N ARG B 222 -23.88 4.11 13.04
CA ARG B 222 -23.35 3.29 11.92
C ARG B 222 -23.02 1.84 12.32
N GLY B 223 -23.00 1.57 13.62
CA GLY B 223 -22.85 0.24 14.13
C GLY B 223 -21.44 -0.36 14.10
N SER B 224 -20.43 0.50 14.04
CA SER B 224 -19.04 0.01 14.09
C SER B 224 -18.68 -0.39 15.51
N ASP B 225 -17.58 -1.12 15.68
CA ASP B 225 -17.12 -1.62 16.98
C ASP B 225 -16.08 -0.78 17.68
N ILE B 226 -15.10 -0.31 16.91
CA ILE B 226 -13.91 0.34 17.44
C ILE B 226 -13.65 1.59 16.67
N ILE B 227 -13.24 2.64 17.35
CA ILE B 227 -12.87 3.88 16.69
C ILE B 227 -11.35 3.91 16.62
N ILE B 228 -10.86 4.30 15.47
CA ILE B 228 -9.39 4.57 15.29
C ILE B 228 -9.17 6.06 15.29
N VAL B 229 -8.29 6.59 16.17
CA VAL B 229 -8.21 8.02 16.31
C VAL B 229 -6.74 8.39 16.36
N GLY B 230 -6.28 9.20 15.40
CA GLY B 230 -4.91 9.72 15.44
C GLY B 230 -4.86 11.14 15.93
N ARG B 231 -4.97 12.06 14.99
CA ARG B 231 -4.79 13.50 15.32
C ARG B 231 -5.73 14.04 16.42
N GLY B 232 -6.99 13.54 16.51
CA GLY B 232 -7.87 13.95 17.61
C GLY B 232 -7.26 13.78 18.99
N ILE B 233 -6.40 12.78 19.13
CA ILE B 233 -5.68 12.59 20.34
C ILE B 233 -4.27 13.16 20.26
N ILE B 234 -3.50 12.81 19.23
CA ILE B 234 -2.04 13.09 19.14
CA ILE B 234 -2.07 13.09 19.27
C ILE B 234 -1.79 14.60 19.13
N SER B 235 -2.72 15.37 18.55
CA SER B 235 -2.51 16.84 18.49
CA SER B 235 -2.58 16.84 18.47
C SER B 235 -2.90 17.57 19.79
N ALA B 236 -3.62 16.92 20.71
CA ALA B 236 -3.95 17.56 22.00
C ALA B 236 -2.70 17.86 22.79
N ALA B 237 -2.74 18.91 23.62
CA ALA B 237 -1.66 19.12 24.60
C ALA B 237 -1.52 17.90 25.52
N ASP B 238 -2.64 17.47 26.09
CA ASP B 238 -2.71 16.35 27.00
C ASP B 238 -3.32 15.15 26.29
N ARG B 239 -2.46 14.27 25.80
CA ARG B 239 -2.94 13.11 25.03
C ARG B 239 -3.71 12.14 25.90
N LEU B 240 -3.41 12.06 27.19
CA LEU B 240 -4.18 11.16 28.06
C LEU B 240 -5.63 11.55 28.25
N GLU B 241 -5.84 12.83 28.54
CA GLU B 241 -7.15 13.40 28.73
C GLU B 241 -7.93 13.22 27.42
N ALA B 242 -7.28 13.47 26.30
CA ALA B 242 -7.92 13.32 24.98
C ALA B 242 -8.36 11.87 24.74
N ALA B 243 -7.49 10.92 25.01
CA ALA B 243 -7.81 9.50 24.86
C ALA B 243 -8.98 9.10 25.76
N GLU B 244 -9.02 9.60 26.98
CA GLU B 244 -10.13 9.33 27.87
C GLU B 244 -11.45 9.87 27.35
N MET B 245 -11.43 11.05 26.73
CA MET B 245 -12.65 11.58 26.14
CA MET B 245 -12.63 11.60 26.11
C MET B 245 -13.14 10.69 25.02
N TYR B 246 -12.22 10.25 24.16
CA TYR B 246 -12.58 9.38 23.06
C TYR B 246 -13.08 8.00 23.52
N ARG B 247 -12.42 7.46 24.54
CA ARG B 247 -12.79 6.20 25.14
C ARG B 247 -14.22 6.25 25.66
N LYS B 248 -14.55 7.26 26.45
CA LYS B 248 -15.91 7.36 27.04
C LYS B 248 -16.96 7.54 25.96
N ALA B 249 -16.66 8.35 24.96
CA ALA B 249 -17.55 8.56 23.83
C ALA B 249 -17.84 7.26 23.12
N ALA B 250 -16.77 6.53 22.73
CA ALA B 250 -16.98 5.27 22.00
C ALA B 250 -17.63 4.20 22.90
N TRP B 251 -17.20 4.10 24.15
CA TRP B 251 -17.75 3.07 25.04
C TRP B 251 -19.27 3.29 25.31
N GLU B 252 -19.64 4.51 25.65
CA GLU B 252 -21.06 4.81 25.95
C GLU B 252 -21.91 4.65 24.70
N ALA B 253 -21.35 4.94 23.53
CA ALA B 253 -22.07 4.76 22.27
C ALA B 253 -22.33 3.27 22.04
N TYR B 254 -21.35 2.44 22.36
CA TYR B 254 -21.52 0.99 22.26
C TYR B 254 -22.56 0.50 23.27
N LEU B 255 -22.45 0.96 24.52
CA LEU B 255 -23.35 0.53 25.60
C LEU B 255 -24.78 0.86 25.24
N SER B 256 -25.00 2.01 24.59
CA SER B 256 -26.36 2.40 24.28
CA SER B 256 -26.32 2.47 24.17
C SER B 256 -26.97 1.56 23.15
N ARG B 257 -26.19 1.12 22.18
CA ARG B 257 -26.76 0.33 21.10
CA ARG B 257 -26.69 0.30 21.08
C ARG B 257 -27.07 -1.09 21.59
N LEU B 258 -26.53 -1.48 22.75
CA LEU B 258 -26.75 -2.79 23.33
C LEU B 258 -28.16 -3.00 23.89
N GLY B 259 -28.74 -1.97 24.51
CA GLY B 259 -30.12 -2.05 25.04
C GLY B 259 -30.22 -1.84 26.54
C1 GOL C . 19.59 8.15 -13.52
O1 GOL C . 18.85 8.08 -14.70
C2 GOL C . 18.88 9.08 -12.54
O2 GOL C . 17.48 9.03 -12.57
C3 GOL C . 19.35 8.86 -11.12
O3 GOL C . 19.82 10.12 -10.73
O3P UEP D . 7.98 -11.59 -10.79
P UEP D . 6.85 -10.85 -11.53
O1P UEP D . 7.35 -10.57 -12.93
O2P UEP D . 5.45 -11.46 -11.42
O5' UEP D . 6.90 -9.44 -10.78
C5' UEP D . 5.84 -8.46 -10.96
C4' UEP D . 6.17 -7.22 -10.14
C3' UEP D . 5.94 -7.52 -8.66
O3' UEP D . 6.91 -6.73 -7.91
C2' UEP D . 4.53 -6.99 -8.40
O2' UEP D . 4.51 -6.59 -7.01
O4' UEP D . 5.24 -6.18 -10.48
C1' UEP D . 4.38 -5.81 -9.40
N1 UEP D . 2.98 -5.63 -9.85
C7 UEP D . 3.06 -3.33 -9.20
C8 UEP D . 4.12 -2.72 -10.13
C6 UEP D . 2.33 -4.44 -9.70
C5 UEP D . 1.01 -4.29 -10.07
C4 UEP D . 0.38 -5.40 -10.61
O4 UEP D . -0.82 -5.33 -10.95
N3 UEP D . 1.03 -6.56 -10.74
C2 UEP D . 2.32 -6.71 -10.38
O2 UEP D . 2.88 -7.81 -10.51
S SO4 E . -10.72 -17.71 -3.15
O1 SO4 E . -11.69 -16.97 -2.35
O2 SO4 E . -11.07 -17.66 -4.58
O3 SO4 E . -9.45 -17.05 -2.91
O4 SO4 E . -10.57 -19.09 -2.67
O3P UEP F . -5.17 11.38 12.34
P UEP F . -6.41 10.61 11.84
O1P UEP F . -7.36 10.34 12.99
O2P UEP F . -7.06 11.21 10.62
O5' UEP F . -5.73 9.19 11.47
C5' UEP F . -6.39 8.22 10.66
C4' UEP F . -5.51 6.99 10.62
C3' UEP F . -4.40 7.29 9.65
O3' UEP F . -3.20 6.57 10.14
C2' UEP F . -4.90 6.67 8.35
O2' UEP F . -3.73 6.22 7.63
O4' UEP F . -6.32 5.92 10.10
C1' UEP F . -5.86 5.52 8.83
N1 UEP F . -6.99 5.30 7.89
C7 UEP F . -6.30 3.03 7.62
C8 UEP F . -6.44 2.51 9.05
C6 UEP F . -7.15 4.11 7.30
C5 UEP F . -8.18 3.91 6.38
C4 UEP F . -8.97 5.00 6.07
O4 UEP F . -9.95 4.85 5.29
N3 UEP F . -8.84 6.17 6.71
C2 UEP F . -7.85 6.37 7.59
O2 UEP F . -7.72 7.48 8.14
#